data_6IBX
#
_entry.id   6IBX
#
_cell.length_a   102.782
_cell.length_b   102.782
_cell.length_c   254.440
_cell.angle_alpha   90.000
_cell.angle_beta   90.000
_cell.angle_gamma   120.000
#
_symmetry.space_group_name_H-M   'P 65 2 2'
#
loop_
_entity.id
_entity.type
_entity.pdbx_description
1 polymer '6-phosphofructo-2-kinase/fructose-2,6-bisphosphatase 3'
2 non-polymer 3-[[8-(1-methylindol-6-yl)quinoxalin-6-yl]amino]-~{N}-[(3~{S})-1-methylpiperidin-3-yl]pyridine-4-carboxamide
3 non-polymer 'PYROPHOSPHATE 2-'
4 non-polymer 'CITRATE ANION'
5 non-polymer 6-O-phosphono-beta-D-fructofuranose
6 non-polymer 'DIMETHYL SULFOXIDE'
7 water water
#
_entity_poly.entity_id   1
_entity_poly.type   'polypeptide(L)'
_entity_poly.pdbx_seq_one_letter_code
;ELTQSRVQKIWVPVNSPTVIVMVGLPARGKTYISKKLTRYLNWIGVPTKVFNVGEYRREAVKQYSSYNFFRPDNEEAMKV
RKQCALAALRDVKSYLAKEGGQIAVFDATNTTRERRHMILHFAKENDFKAFFIESVCDDPTVVASNIMEVKISSPDYKDC
NSAEAMDDFMKRISCYEASYQPLDPDKCDRDLSLIKVIDVGRRFLVNRVQDHIQSRIVYYLMNIHVQPRTIYLCRHGENE
HNLQGRIGGDSGLSSRGKKFASALSKFVEEQNLKDLRVWTSQLKSTIQTAEALRLPYEQWKALNEIDAGVCEELTYEEIR
DTYPEEYALREQDKYYYRYPTGESYQDLVQRLEPVIMELERQENVLVICHQAVLRCLLAYFLDKSAEEMPYLKCPLHTVL
KLTPVAYGCRVESIYLNVESVCTHRERSE
;
_entity_poly.pdbx_strand_id   A
#
loop_
_chem_comp.id
_chem_comp.type
_chem_comp.name
_chem_comp.formula
DMS non-polymer 'DIMETHYL SULFOXIDE' 'C2 H6 O S'
F6P D-saccharide, beta linking 6-O-phosphono-beta-D-fructofuranose 'C6 H13 O9 P'
FLC non-polymer 'CITRATE ANION' 'C6 H5 O7 -3'
H9Z non-polymer 3-[[8-(1-methylindol-6-yl)quinoxalin-6-yl]amino]-~{N}-[(3~{S})-1-methylpiperidin-3-yl]pyridine-4-carboxamide 'C29 H29 N7 O'
POP non-polymer 'PYROPHOSPHATE 2-' 'H2 O7 P2 -2'
#
# COMPACT_ATOMS: atom_id res chain seq x y z
N GLU A 1 25.25 25.38 -18.09
CA GLU A 1 26.06 24.21 -18.54
C GLU A 1 25.71 23.02 -17.65
N LEU A 2 25.80 21.81 -18.17
CA LEU A 2 25.19 20.66 -17.49
C LEU A 2 26.13 19.52 -17.14
N THR A 3 25.87 18.89 -16.00
CA THR A 3 26.53 17.64 -15.62
C THR A 3 25.52 16.54 -15.17
N GLN A 4 25.83 15.31 -15.52
CA GLN A 4 24.97 14.20 -15.15
C GLN A 4 25.28 13.65 -13.74
N SER A 5 24.34 13.76 -12.84
CA SER A 5 24.51 13.18 -11.51
C SER A 5 24.88 11.69 -11.57
N ARG A 6 25.65 11.26 -10.58
CA ARG A 6 26.21 9.88 -10.54
C ARG A 6 25.15 8.76 -10.43
N VAL A 7 24.29 8.86 -9.41
CA VAL A 7 23.37 7.77 -9.08
C VAL A 7 22.17 7.74 -10.04
N GLN A 8 21.40 8.82 -10.06
CA GLN A 8 20.17 8.88 -10.84
C GLN A 8 20.34 9.28 -12.34
N LYS A 9 21.52 9.72 -12.74
CA LYS A 9 21.75 10.03 -14.16
C LYS A 9 20.91 11.23 -14.63
N ILE A 10 20.72 12.20 -13.75
CA ILE A 10 19.95 13.41 -14.01
C ILE A 10 20.89 14.59 -14.36
N TRP A 11 20.64 15.18 -15.52
CA TRP A 11 21.39 16.35 -15.97
C TRP A 11 20.98 17.57 -15.15
N VAL A 12 21.97 18.16 -14.46
CA VAL A 12 21.72 19.31 -13.61
C VAL A 12 22.72 20.45 -13.92
N PRO A 13 22.27 21.71 -13.72
CA PRO A 13 23.11 22.91 -13.78
C PRO A 13 24.40 22.79 -12.96
N VAL A 14 25.54 22.66 -13.65
CA VAL A 14 26.89 22.52 -13.02
C VAL A 14 27.03 23.15 -11.64
N ASN A 15 2.55 22.81 -4.66
CA ASN A 15 1.49 22.15 -3.89
C ASN A 15 1.82 22.09 -2.39
N SER A 16 1.10 22.90 -1.62
CA SER A 16 1.07 22.75 -0.19
C SER A 16 0.85 21.28 0.19
N PRO A 17 1.38 20.89 1.32
CA PRO A 17 0.99 19.60 1.89
C PRO A 17 -0.47 19.60 2.26
N THR A 18 -0.99 18.40 2.51
CA THR A 18 -2.41 18.21 2.66
C THR A 18 -2.69 17.40 3.91
N VAL A 19 -3.67 17.86 4.68
CA VAL A 19 -4.22 17.09 5.77
C VAL A 19 -5.46 16.42 5.25
N ILE A 20 -5.45 15.12 5.23
CA ILE A 20 -6.64 14.35 4.95
C ILE A 20 -7.42 14.06 6.25
N VAL A 21 -8.67 14.45 6.29
CA VAL A 21 -9.45 14.34 7.51
C VAL A 21 -10.48 13.26 7.36
N MET A 22 -10.32 12.16 8.09
CA MET A 22 -11.31 11.09 8.05
C MET A 22 -12.52 11.53 8.84
N VAL A 23 -13.69 11.03 8.47
CA VAL A 23 -14.92 11.43 9.14
C VAL A 23 -15.86 10.26 9.15
N GLY A 24 -16.41 9.98 10.33
CA GLY A 24 -17.42 8.92 10.45
C GLY A 24 -17.55 8.31 11.84
N LEU A 25 -18.66 7.64 12.04
CA LEU A 25 -18.92 6.91 13.25
C LEU A 25 -17.88 5.83 13.38
N PRO A 26 -17.70 5.27 14.59
CA PRO A 26 -16.75 4.20 14.74
C PRO A 26 -17.15 2.94 13.98
N ALA A 27 -16.15 2.16 13.57
CA ALA A 27 -16.34 0.94 12.78
C ALA A 27 -16.96 1.18 11.40
N ARG A 28 -16.54 2.27 10.73
CA ARG A 28 -16.95 2.53 9.35
C ARG A 28 -15.74 2.40 8.38
N GLY A 29 -14.71 1.71 8.84
CA GLY A 29 -13.52 1.47 8.04
C GLY A 29 -12.62 2.66 7.81
N LYS A 30 -12.69 3.67 8.68
CA LYS A 30 -11.84 4.84 8.55
C LYS A 30 -10.36 4.50 8.66
N THR A 31 -10.02 3.63 9.61
CA THR A 31 -8.63 3.20 9.81
C THR A 31 -8.17 2.24 8.70
N TYR A 32 -9.03 1.33 8.26
CA TYR A 32 -8.75 0.47 7.14
C TYR A 32 -8.33 1.30 5.90
N ILE A 33 -9.15 2.30 5.57
CA ILE A 33 -8.89 3.23 4.49
C ILE A 33 -7.68 4.12 4.74
N SER A 34 -7.51 4.64 5.94
CA SER A 34 -6.35 5.45 6.25
C SER A 34 -5.05 4.69 5.95
N LYS A 35 -5.00 3.47 6.45
CA LYS A 35 -3.81 2.66 6.32
C LYS A 35 -3.54 2.29 4.86
N LYS A 36 -4.55 1.80 4.18
CA LYS A 36 -4.41 1.35 2.81
C LYS A 36 -3.99 2.47 1.86
N LEU A 37 -4.58 3.64 2.05
CA LEU A 37 -4.30 4.83 1.28
C LEU A 37 -2.89 5.28 1.50
N THR A 38 -2.51 5.30 2.78
CA THR A 38 -1.16 5.64 3.16
C THR A 38 -0.14 4.68 2.57
N ARG A 39 -0.50 3.41 2.43
CA ARG A 39 0.39 2.40 1.83
C ARG A 39 0.63 2.70 0.33
N TYR A 40 -0.46 2.96 -0.38
CA TYR A 40 -0.43 3.34 -1.77
C TYR A 40 0.38 4.62 -2.00
N LEU A 41 0.06 5.67 -1.25
CA LEU A 41 0.72 6.96 -1.41
C LEU A 41 2.20 6.90 -1.16
N ASN A 42 2.61 6.19 -0.11
CA ASN A 42 4.04 6.07 0.13
C ASN A 42 4.71 5.29 -1.00
N TRP A 43 4.08 4.22 -1.48
CA TRP A 43 4.70 3.39 -2.51
C TRP A 43 4.90 4.20 -3.81
N ILE A 44 3.94 5.06 -4.19
CA ILE A 44 4.13 5.89 -5.38
C ILE A 44 5.05 7.05 -5.11
N GLY A 45 5.52 7.18 -3.88
CA GLY A 45 6.52 8.19 -3.56
C GLY A 45 6.01 9.48 -2.98
N VAL A 46 4.81 9.47 -2.43
CA VAL A 46 4.26 10.67 -1.79
C VAL A 46 4.30 10.38 -0.27
N PRO A 47 5.26 10.96 0.46
CA PRO A 47 5.45 10.65 1.88
C PRO A 47 4.20 11.00 2.72
N THR A 48 3.63 9.96 3.32
CA THR A 48 2.35 10.03 3.97
C THR A 48 2.43 9.32 5.31
N LYS A 49 1.67 9.79 6.31
CA LYS A 49 1.69 9.21 7.63
C LYS A 49 0.34 9.32 8.31
N VAL A 50 -0.09 8.24 8.95
CA VAL A 50 -1.36 8.24 9.67
C VAL A 50 -1.17 8.73 11.10
N PHE A 51 -2.02 9.68 11.49
CA PHE A 51 -2.09 10.14 12.86
C PHE A 51 -3.44 9.72 13.41
N ASN A 52 -3.42 8.62 14.14
CA ASN A 52 -4.60 8.03 14.69
C ASN A 52 -4.85 8.59 16.10
N VAL A 53 -5.90 9.38 16.28
CA VAL A 53 -6.12 10.03 17.58
C VAL A 53 -6.38 9.01 18.74
N GLY A 54 -7.01 7.89 18.40
CA GLY A 54 -7.23 6.81 19.30
C GLY A 54 -5.97 6.28 19.96
N GLU A 55 -4.89 6.22 19.19
CA GLU A 55 -3.60 5.81 19.75
C GLU A 55 -3.03 6.84 20.69
N TYR A 56 -3.26 8.11 20.40
CA TYR A 56 -2.86 9.15 21.35
C TYR A 56 -3.64 8.97 22.69
N ARG A 57 -4.93 8.68 22.58
CA ARG A 57 -5.79 8.51 23.74
C ARG A 57 -5.33 7.31 24.53
N ARG A 58 -5.03 6.21 23.83
CA ARG A 58 -4.59 4.99 24.49
C ARG A 58 -3.35 5.19 25.32
N GLU A 59 -2.45 6.07 24.92
CA GLU A 59 -1.24 6.26 25.70
C GLU A 59 -1.37 7.37 26.77
N ALA A 60 -2.33 8.26 26.62
CA ALA A 60 -2.55 9.30 27.59
C ALA A 60 -3.30 8.77 28.82
N VAL A 61 -3.99 7.67 28.67
CA VAL A 61 -4.94 7.26 29.66
C VAL A 61 -4.74 5.80 30.00
N LYS A 62 -5.04 5.40 31.22
CA LYS A 62 -4.81 4.00 31.58
C LYS A 62 -5.79 3.07 30.86
N GLN A 63 -5.47 1.80 30.92
CA GLN A 63 -6.26 0.78 30.30
C GLN A 63 -7.71 1.21 30.19
N TYR A 64 -8.29 0.95 29.01
CA TYR A 64 -9.68 1.20 28.71
C TYR A 64 -10.50 0.23 29.53
N SER A 65 -11.60 0.70 30.11
CA SER A 65 -12.47 -0.22 30.87
C SER A 65 -13.83 -0.33 30.24
N SER A 66 -14.38 0.78 29.74
CA SER A 66 -15.65 0.69 29.03
C SER A 66 -16.04 1.94 28.24
N TYR A 67 -17.15 1.81 27.53
CA TYR A 67 -17.72 2.90 26.70
C TYR A 67 -18.09 4.19 27.46
N ASN A 68 -18.22 4.09 28.78
CA ASN A 68 -18.50 5.25 29.61
C ASN A 68 -17.50 6.33 29.35
N PHE A 69 -16.28 5.92 28.97
CA PHE A 69 -15.24 6.89 28.62
C PHE A 69 -15.72 7.83 27.50
N PHE A 70 -16.57 7.30 26.63
CA PHE A 70 -16.98 8.00 25.41
C PHE A 70 -18.30 8.73 25.55
N ARG A 71 -18.85 8.75 26.77
CA ARG A 71 -20.13 9.39 27.01
C ARG A 71 -20.00 10.87 26.73
N PRO A 72 -20.95 11.44 26.00
CA PRO A 72 -20.87 12.88 25.78
C PRO A 72 -20.96 13.69 27.07
N ASP A 73 -21.54 13.14 28.15
CA ASP A 73 -21.59 13.88 29.43
C ASP A 73 -20.32 13.73 30.26
N ASN A 74 -19.35 13.00 29.72
CA ASN A 74 -18.08 12.72 30.42
C ASN A 74 -17.11 13.86 30.25
N GLU A 75 -17.22 14.83 31.15
CA GLU A 75 -16.53 16.08 30.98
C GLU A 75 -15.02 15.88 30.91
N GLU A 76 -14.50 15.04 31.79
CA GLU A 76 -13.06 14.84 31.86
C GLU A 76 -12.48 14.10 30.64
N ALA A 77 -13.14 13.02 30.22
CA ALA A 77 -12.69 12.32 29.04
C ALA A 77 -12.85 13.24 27.80
N MET A 78 -13.88 14.06 27.76
CA MET A 78 -14.01 15.01 26.68
C MET A 78 -12.79 15.89 26.64
N LYS A 79 -12.36 16.42 27.79
CA LYS A 79 -11.14 17.22 27.85
C LYS A 79 -9.90 16.47 27.34
N VAL A 80 -9.72 15.25 27.82
CA VAL A 80 -8.61 14.39 27.42
C VAL A 80 -8.63 14.16 25.91
N ARG A 81 -9.80 13.81 25.36
CA ARG A 81 -9.96 13.55 23.94
C ARG A 81 -9.58 14.76 23.11
N LYS A 82 -9.99 15.94 23.56
CA LYS A 82 -9.68 17.15 22.87
C LYS A 82 -8.19 17.43 22.91
N GLN A 83 -7.56 17.15 24.03
CA GLN A 83 -6.14 17.31 24.15
C GLN A 83 -5.33 16.34 23.25
N CYS A 84 -5.86 15.14 23.10
CA CYS A 84 -5.25 14.12 22.26
C CYS A 84 -5.30 14.54 20.77
N ALA A 85 -6.42 15.12 20.35
CA ALA A 85 -6.56 15.69 19.03
C ALA A 85 -5.58 16.81 18.80
N LEU A 86 -5.47 17.76 19.73
CA LEU A 86 -4.48 18.82 19.61
C LEU A 86 -3.06 18.31 19.57
N ALA A 87 -2.70 17.33 20.39
CA ALA A 87 -1.36 16.77 20.33
C ALA A 87 -1.11 16.06 18.97
N ALA A 88 -2.13 15.39 18.43
CA ALA A 88 -2.01 14.79 17.10
C ALA A 88 -1.79 15.87 16.03
N LEU A 89 -2.55 16.97 16.08
CA LEU A 89 -2.36 18.06 15.15
C LEU A 89 -0.98 18.70 15.27
N ARG A 90 -0.49 18.88 16.48
CA ARG A 90 0.87 19.34 16.67
C ARG A 90 1.87 18.43 15.92
N ASP A 91 1.69 17.12 15.97
CA ASP A 91 2.60 16.22 15.27
C ASP A 91 2.41 16.32 13.74
N VAL A 92 1.17 16.57 13.31
CA VAL A 92 0.83 16.75 11.90
C VAL A 92 1.59 17.95 11.38
N LYS A 93 1.53 19.05 12.14
CA LYS A 93 2.27 20.26 11.80
C LYS A 93 3.75 20.01 11.61
N SER A 94 4.32 19.30 12.56
CA SER A 94 5.72 19.02 12.55
C SER A 94 6.10 18.08 11.38
N TYR A 95 5.25 17.11 11.08
CA TYR A 95 5.53 16.16 10.03
C TYR A 95 5.53 16.89 8.68
N LEU A 96 4.52 17.71 8.46
CA LEU A 96 4.31 18.39 7.20
C LEU A 96 5.21 19.62 7.05
N ALA A 97 5.44 20.40 8.11
CA ALA A 97 6.26 21.60 7.98
C ALA A 97 7.73 21.35 8.15
N LYS A 98 8.14 20.25 8.78
CA LYS A 98 9.53 20.18 9.18
C LYS A 98 10.18 18.86 8.89
N GLU A 99 9.41 17.82 8.63
CA GLU A 99 9.99 16.51 8.48
C GLU A 99 9.93 16.02 7.05
N GLY A 100 9.48 16.87 6.13
CA GLY A 100 9.35 16.51 4.72
C GLY A 100 8.10 15.71 4.37
N GLY A 101 7.15 15.63 5.31
CA GLY A 101 5.93 14.94 5.05
C GLY A 101 5.16 15.70 3.98
N GLN A 102 4.38 14.98 3.18
CA GLN A 102 3.54 15.62 2.19
C GLN A 102 2.03 15.51 2.52
N ILE A 103 1.62 14.34 3.02
CA ILE A 103 0.22 14.05 3.32
C ILE A 103 0.12 13.48 4.75
N ALA A 104 -0.76 14.08 5.55
CA ALA A 104 -1.04 13.58 6.89
C ALA A 104 -2.49 13.18 6.94
N VAL A 105 -2.74 11.95 7.32
CA VAL A 105 -4.10 11.45 7.44
C VAL A 105 -4.53 11.53 8.91
N PHE A 106 -5.53 12.34 9.19
CA PHE A 106 -5.99 12.59 10.56
C PHE A 106 -7.14 11.66 10.78
N ASP A 107 -6.83 10.50 11.33
CA ASP A 107 -7.76 9.41 11.43
C ASP A 107 -8.47 9.46 12.80
N ALA A 108 -9.65 10.07 12.81
CA ALA A 108 -10.52 10.12 13.98
C ALA A 108 -11.94 10.16 13.48
N THR A 109 -12.89 10.18 14.41
CA THR A 109 -14.31 10.28 14.05
C THR A 109 -14.62 11.63 13.41
N ASN A 110 -14.18 12.70 14.03
CA ASN A 110 -14.37 14.06 13.50
C ASN A 110 -15.79 14.30 13.02
N THR A 111 -16.74 13.85 13.83
CA THR A 111 -18.16 13.82 13.49
C THR A 111 -18.97 15.13 13.69
N THR A 112 -18.37 16.13 14.30
CA THR A 112 -19.06 17.38 14.53
C THR A 112 -18.46 18.49 13.69
N ARG A 113 -19.33 19.40 13.25
CA ARG A 113 -18.93 20.56 12.46
C ARG A 113 -17.92 21.34 13.23
N GLU A 114 -18.10 21.37 14.52
CA GLU A 114 -17.23 22.15 15.33
C GLU A 114 -15.81 21.58 15.34
N ARG A 115 -15.65 20.25 15.44
CA ARG A 115 -14.30 19.70 15.42
C ARG A 115 -13.67 19.95 14.04
N ARG A 116 -14.46 19.79 12.98
CA ARG A 116 -13.95 19.97 11.62
C ARG A 116 -13.55 21.41 11.36
N HIS A 117 -14.33 22.33 11.93
CA HIS A 117 -14.02 23.75 11.82
C HIS A 117 -12.66 24.04 12.45
N MET A 118 -12.40 23.45 13.60
CA MET A 118 -11.12 23.69 14.25
C MET A 118 -9.96 23.16 13.36
N ILE A 119 -10.19 22.02 12.71
CA ILE A 119 -9.15 21.42 11.85
C ILE A 119 -8.90 22.30 10.63
N LEU A 120 -9.96 22.84 10.05
CA LEU A 120 -9.82 23.83 8.98
C LEU A 120 -9.00 25.03 9.41
N HIS A 121 -9.33 25.56 10.56
CA HIS A 121 -8.62 26.72 11.06
C HIS A 121 -7.13 26.39 11.14
N PHE A 122 -6.80 25.23 11.71
CA PHE A 122 -5.43 24.73 11.79
C PHE A 122 -4.75 24.66 10.41
N ALA A 123 -5.46 24.10 9.46
CA ALA A 123 -4.91 23.92 8.13
C ALA A 123 -4.67 25.29 7.52
N LYS A 124 -5.67 26.15 7.62
CA LYS A 124 -5.58 27.41 6.90
C LYS A 124 -4.41 28.23 7.46
N GLU A 125 -4.19 28.19 8.76
CA GLU A 125 -3.12 28.99 9.33
C GLU A 125 -1.74 28.37 9.20
N ASN A 126 -1.64 27.11 8.80
CA ASN A 126 -0.35 26.53 8.49
C ASN A 126 -0.13 26.42 6.99
N ASP A 127 -1.11 26.89 6.22
CA ASP A 127 -1.05 26.76 4.79
C ASP A 127 -1.07 25.33 4.28
N PHE A 128 -1.86 24.49 4.94
CA PHE A 128 -2.07 23.14 4.50
C PHE A 128 -3.40 23.12 3.79
N LYS A 129 -3.52 22.26 2.80
CA LYS A 129 -4.81 21.97 2.27
C LYS A 129 -5.49 20.95 3.18
N ALA A 130 -6.82 20.93 3.11
CA ALA A 130 -7.65 20.01 3.84
C ALA A 130 -8.55 19.26 2.86
N PHE A 131 -8.58 17.94 2.98
CA PHE A 131 -9.43 17.11 2.13
C PHE A 131 -10.14 16.11 3.04
N PHE A 132 -11.45 16.11 3.01
CA PHE A 132 -12.22 15.23 3.89
C PHE A 132 -12.65 13.96 3.20
N ILE A 133 -12.50 12.84 3.88
CA ILE A 133 -13.05 11.55 3.42
C ILE A 133 -13.97 11.00 4.49
N GLU A 134 -15.27 10.93 4.19
CA GLU A 134 -16.26 10.45 5.14
C GLU A 134 -16.71 9.10 4.69
N SER A 135 -16.83 8.15 5.63
CA SER A 135 -17.42 6.85 5.35
C SER A 135 -18.76 6.67 6.06
N VAL A 136 -19.78 6.34 5.29
CA VAL A 136 -21.14 6.25 5.79
C VAL A 136 -21.65 4.88 5.50
N CYS A 137 -22.10 4.18 6.53
CA CYS A 137 -22.76 2.88 6.37
C CYS A 137 -23.61 2.58 7.58
N ASP A 138 -24.88 2.30 7.35
CA ASP A 138 -25.79 1.96 8.45
C ASP A 138 -26.28 0.53 8.36
N ASP A 139 -25.55 -0.33 7.68
CA ASP A 139 -25.87 -1.73 7.61
C ASP A 139 -25.26 -2.45 8.84
N PRO A 140 -26.12 -3.05 9.68
CA PRO A 140 -25.67 -3.72 10.92
C PRO A 140 -24.69 -4.85 10.68
N THR A 141 -24.85 -5.56 9.57
CA THR A 141 -23.99 -6.69 9.28
C THR A 141 -22.58 -6.20 9.03
N VAL A 142 -22.47 -5.06 8.36
CA VAL A 142 -21.16 -4.53 8.01
C VAL A 142 -20.46 -4.09 9.29
N VAL A 143 -21.17 -3.28 10.07
CA VAL A 143 -20.64 -2.80 11.33
C VAL A 143 -20.21 -3.96 12.24
N ALA A 144 -21.07 -4.96 12.37
CA ALA A 144 -20.78 -6.12 13.24
C ALA A 144 -19.52 -6.81 12.77
N SER A 145 -19.44 -7.02 11.47
CA SER A 145 -18.26 -7.63 10.93
C SER A 145 -16.97 -6.80 11.18
N ASN A 146 -17.03 -5.48 11.07
CA ASN A 146 -15.84 -4.71 11.40
C ASN A 146 -15.42 -4.89 12.86
N ILE A 147 -16.41 -4.88 13.75
CA ILE A 147 -16.14 -5.02 15.16
C ILE A 147 -15.47 -6.37 15.45
N MET A 148 -16.05 -7.44 14.92
CA MET A 148 -15.45 -8.78 15.10
C MET A 148 -14.03 -8.82 14.53
N GLU A 149 -13.79 -8.15 13.41
CA GLU A 149 -12.57 -8.39 12.68
C GLU A 149 -11.42 -7.58 13.22
N VAL A 150 -11.67 -6.37 13.69
CA VAL A 150 -10.54 -5.57 14.19
C VAL A 150 -10.78 -4.85 15.53
N LYS A 151 -12.02 -4.76 16.01
CA LYS A 151 -12.20 -4.05 17.28
C LYS A 151 -12.02 -4.99 18.49
N ILE A 152 -12.60 -6.16 18.46
CA ILE A 152 -12.58 -6.99 19.67
C ILE A 152 -11.15 -7.43 19.99
N SER A 153 -10.28 -7.45 18.99
CA SER A 153 -8.89 -7.90 19.15
C SER A 153 -7.97 -6.77 19.49
N SER A 154 -8.48 -5.55 19.57
CA SER A 154 -7.58 -4.46 19.86
C SER A 154 -7.23 -4.39 21.33
N PRO A 155 -6.22 -3.60 21.66
CA PRO A 155 -5.71 -3.53 23.02
C PRO A 155 -6.74 -3.02 24.05
N ASP A 156 -7.61 -2.11 23.65
CA ASP A 156 -8.67 -1.61 24.53
C ASP A 156 -9.45 -2.77 25.13
N TYR A 157 -9.61 -3.85 24.37
CA TYR A 157 -10.45 -4.96 24.74
C TYR A 157 -9.67 -6.21 25.19
N LYS A 158 -8.45 -6.02 25.70
CA LYS A 158 -7.62 -7.17 26.05
C LYS A 158 -8.19 -7.97 27.21
N ASP A 159 -8.79 -7.30 28.19
CA ASP A 159 -9.45 -7.98 29.30
C ASP A 159 -10.93 -8.29 29.06
N CYS A 160 -11.36 -8.44 27.80
CA CYS A 160 -12.75 -8.77 27.52
C CYS A 160 -12.86 -9.95 26.56
N ASN A 161 -13.85 -10.80 26.80
CA ASN A 161 -14.28 -11.77 25.83
C ASN A 161 -15.00 -11.06 24.70
N SER A 162 -15.30 -11.83 23.66
CA SER A 162 -15.91 -11.32 22.42
C SER A 162 -17.27 -10.68 22.59
N ALA A 163 -18.19 -11.45 23.18
CA ALA A 163 -19.55 -11.00 23.39
C ALA A 163 -19.57 -9.66 24.10
N GLU A 164 -18.69 -9.47 25.07
CA GLU A 164 -18.78 -8.24 25.85
C GLU A 164 -18.06 -7.09 25.18
N ALA A 165 -17.08 -7.42 24.35
CA ALA A 165 -16.36 -6.41 23.58
C ALA A 165 -17.31 -5.85 22.54
N MET A 166 -18.02 -6.74 21.87
CA MET A 166 -19.00 -6.41 20.85
C MET A 166 -20.10 -5.54 21.48
N ASP A 167 -20.52 -5.91 22.66
CA ASP A 167 -21.53 -5.15 23.37
C ASP A 167 -21.06 -3.75 23.76
N ASP A 168 -19.88 -3.68 24.35
CA ASP A 168 -19.32 -2.39 24.69
C ASP A 168 -19.14 -1.52 23.43
N PHE A 169 -18.78 -2.14 22.31
CA PHE A 169 -18.47 -1.35 21.14
C PHE A 169 -19.74 -0.78 20.53
N MET A 170 -20.82 -1.55 20.56
CA MET A 170 -22.12 -1.02 20.10
C MET A 170 -22.59 0.21 20.90
N LYS A 171 -22.32 0.21 22.19
CA LYS A 171 -22.75 1.33 23.02
C LYS A 171 -21.82 2.48 22.81
N ARG A 172 -20.57 2.15 22.59
CA ARG A 172 -19.57 3.14 22.29
C ARG A 172 -20.01 3.93 21.06
N ILE A 173 -20.50 3.22 20.06
CA ILE A 173 -20.96 3.86 18.82
C ILE A 173 -22.17 4.76 19.09
N SER A 174 -23.10 4.27 19.90
CA SER A 174 -24.32 5.03 20.18
C SER A 174 -23.96 6.35 20.88
N CYS A 175 -22.84 6.38 21.58
CA CYS A 175 -22.38 7.67 22.15
C CYS A 175 -22.20 8.75 21.10
N TYR A 176 -21.89 8.38 19.85
CA TYR A 176 -21.55 9.39 18.86
C TYR A 176 -22.76 9.84 18.03
N GLU A 177 -23.85 9.09 18.10
CA GLU A 177 -24.94 9.27 17.18
C GLU A 177 -25.71 10.58 17.31
N ALA A 178 -25.89 11.07 18.52
CA ALA A 178 -26.67 12.28 18.69
C ALA A 178 -25.97 13.49 18.07
N SER A 179 -24.67 13.62 18.23
CA SER A 179 -24.01 14.83 17.77
C SER A 179 -23.39 14.69 16.36
N TYR A 180 -23.60 13.55 15.70
CA TYR A 180 -23.01 13.33 14.37
C TYR A 180 -23.66 14.24 13.33
N GLN A 181 -22.89 15.18 12.77
CA GLN A 181 -23.35 16.00 11.64
C GLN A 181 -22.56 15.58 10.41
N PRO A 182 -23.18 14.81 9.52
CA PRO A 182 -22.47 14.33 8.35
C PRO A 182 -22.07 15.46 7.42
N LEU A 183 -21.09 15.22 6.56
CA LEU A 183 -20.68 16.25 5.60
C LEU A 183 -21.90 16.56 4.73
N ASP A 184 -22.09 17.84 4.43
CA ASP A 184 -23.26 18.35 3.72
C ASP A 184 -22.80 19.25 2.54
N PRO A 185 -22.37 18.62 1.44
CA PRO A 185 -21.80 19.37 0.32
C PRO A 185 -22.83 20.25 -0.41
N ASP A 186 -24.11 19.92 -0.27
CA ASP A 186 -25.21 20.77 -0.76
C ASP A 186 -25.19 22.13 -0.16
N LYS A 187 -25.03 22.19 1.15
CA LYS A 187 -25.22 23.44 1.83
C LYS A 187 -23.97 23.81 2.58
N CYS A 188 -23.87 23.33 3.81
CA CYS A 188 -22.93 23.90 4.74
C CYS A 188 -21.48 23.57 4.37
N ASP A 189 -21.26 22.52 3.59
CA ASP A 189 -19.87 22.11 3.28
C ASP A 189 -19.55 22.33 1.81
N ARG A 190 -20.39 23.11 1.15
CA ARG A 190 -20.36 23.22 -0.29
C ARG A 190 -19.01 23.76 -0.74
N ASP A 191 -18.29 24.48 0.10
CA ASP A 191 -16.97 24.93 -0.31
C ASP A 191 -15.81 24.02 0.10
N LEU A 192 -16.10 22.92 0.76
CA LEU A 192 -15.00 22.04 1.16
C LEU A 192 -14.64 21.02 0.08
N SER A 193 -13.40 20.57 0.08
CA SER A 193 -12.99 19.49 -0.79
C SER A 193 -13.18 18.21 -0.01
N LEU A 194 -14.01 17.32 -0.54
CA LEU A 194 -14.36 16.09 0.16
C LEU A 194 -14.80 14.99 -0.77
N ILE A 195 -14.69 13.76 -0.28
CA ILE A 195 -15.37 12.59 -0.80
C ILE A 195 -16.28 12.02 0.28
N LYS A 196 -17.53 11.79 0.00
CA LYS A 196 -18.35 11.04 0.95
C LYS A 196 -18.62 9.71 0.33
N VAL A 197 -18.22 8.64 1.00
CA VAL A 197 -18.38 7.30 0.50
C VAL A 197 -19.50 6.64 1.22
N ILE A 198 -20.38 6.01 0.44
CA ILE A 198 -21.56 5.40 1.00
C ILE A 198 -21.59 3.93 0.72
N ASP A 199 -21.87 3.16 1.77
CA ASP A 199 -22.06 1.75 1.71
C ASP A 199 -20.89 1.00 1.13
N VAL A 200 -19.72 1.18 1.73
CA VAL A 200 -18.56 0.37 1.43
C VAL A 200 -18.17 0.55 -0.07
N GLY A 201 -18.17 1.77 -0.54
CA GLY A 201 -17.72 2.07 -1.90
C GLY A 201 -18.79 1.90 -2.97
N ARG A 202 -20.03 1.66 -2.60
CA ARG A 202 -21.07 1.57 -3.61
C ARG A 202 -21.35 2.94 -4.29
N ARG A 203 -21.28 4.03 -3.54
CA ARG A 203 -21.39 5.31 -4.17
C ARG A 203 -20.61 6.39 -3.50
N PHE A 204 -20.32 7.45 -4.27
CA PHE A 204 -19.45 8.49 -3.85
C PHE A 204 -20.07 9.82 -4.19
N LEU A 205 -19.88 10.80 -3.32
CA LEU A 205 -20.20 12.18 -3.63
C LEU A 205 -18.87 12.94 -3.51
N VAL A 206 -18.45 13.60 -4.58
CA VAL A 206 -17.13 14.19 -4.63
C VAL A 206 -17.34 15.65 -4.88
N ASN A 207 -16.67 16.48 -4.11
CA ASN A 207 -16.90 17.91 -4.13
C ASN A 207 -15.60 18.62 -4.18
N ARG A 208 -15.46 19.45 -5.22
CA ARG A 208 -14.32 20.40 -5.36
C ARG A 208 -12.93 19.78 -5.24
N VAL A 209 -12.60 18.85 -6.12
CA VAL A 209 -11.23 18.34 -6.17
C VAL A 209 -10.22 19.46 -6.49
N GLN A 210 -9.18 19.61 -5.67
CA GLN A 210 -8.27 20.74 -5.74
C GLN A 210 -6.97 20.46 -6.48
N ASP A 211 -6.50 19.23 -6.49
CA ASP A 211 -5.19 18.98 -7.06
C ASP A 211 -5.07 17.52 -7.53
N HIS A 212 -3.93 17.16 -8.12
CA HIS A 212 -3.84 15.81 -8.67
CA HIS A 212 -3.77 15.82 -8.67
C HIS A 212 -3.80 14.70 -7.59
N ILE A 213 -3.35 15.01 -6.38
CA ILE A 213 -3.35 13.98 -5.34
C ILE A 213 -4.77 13.58 -4.98
N GLN A 214 -5.63 14.57 -4.86
CA GLN A 214 -7.00 14.36 -4.55
C GLN A 214 -7.75 13.61 -5.62
N SER A 215 -7.55 13.96 -6.88
CA SER A 215 -8.19 13.15 -7.91
C SER A 215 -7.65 11.70 -7.94
N ARG A 216 -6.35 11.52 -7.73
CA ARG A 216 -5.77 10.18 -7.74
C ARG A 216 -6.33 9.32 -6.59
N ILE A 217 -6.55 9.95 -5.43
CA ILE A 217 -7.13 9.25 -4.26
C ILE A 217 -8.53 8.79 -4.58
N VAL A 218 -9.31 9.66 -5.21
CA VAL A 218 -10.63 9.27 -5.62
C VAL A 218 -10.63 8.08 -6.59
N TYR A 219 -9.76 8.14 -7.59
CA TYR A 219 -9.62 7.05 -8.54
C TYR A 219 -9.25 5.73 -7.83
N TYR A 220 -8.33 5.82 -6.87
CA TYR A 220 -7.91 4.66 -6.10
C TYR A 220 -9.07 4.08 -5.34
N LEU A 221 -9.80 4.95 -4.64
CA LEU A 221 -10.98 4.53 -3.88
C LEU A 221 -12.04 3.92 -4.76
N MET A 222 -12.09 4.32 -6.02
CA MET A 222 -13.05 3.74 -6.92
C MET A 222 -12.63 2.45 -7.51
N ASN A 223 -11.36 2.07 -7.32
CA ASN A 223 -10.86 0.80 -7.81
C ASN A 223 -10.73 -0.33 -6.74
N ILE A 224 -10.60 0.03 -5.48
CA ILE A 224 -10.43 -0.97 -4.43
C ILE A 224 -11.77 -1.58 -4.03
N HIS A 225 -11.74 -2.80 -3.51
CA HIS A 225 -12.97 -3.44 -3.02
C HIS A 225 -12.63 -4.33 -1.82
N VAL A 226 -13.65 -4.91 -1.18
CA VAL A 226 -13.43 -5.70 0.03
C VAL A 226 -13.90 -7.15 -0.15
N GLN A 227 -14.08 -7.58 -1.39
CA GLN A 227 -14.46 -8.95 -1.70
C GLN A 227 -13.29 -9.87 -1.46
N PRO A 228 -13.59 -11.14 -1.14
CA PRO A 228 -12.52 -12.05 -0.78
C PRO A 228 -11.72 -12.49 -2.00
N ARG A 229 -10.42 -12.63 -1.85
CA ARG A 229 -9.60 -13.12 -2.93
C ARG A 229 -8.17 -13.41 -2.52
N THR A 230 -7.41 -13.93 -3.47
CA THR A 230 -6.03 -14.24 -3.26
C THR A 230 -5.18 -13.74 -4.41
N ILE A 231 -4.01 -13.20 -4.08
CA ILE A 231 -3.01 -12.84 -5.06
C ILE A 231 -1.78 -13.73 -4.94
N TYR A 232 -1.35 -14.28 -6.06
CA TYR A 232 -0.16 -15.13 -6.09
C TYR A 232 0.88 -14.45 -6.95
N LEU A 233 2.09 -14.24 -6.41
CA LEU A 233 3.16 -13.64 -7.11
C LEU A 233 4.28 -14.67 -7.25
N CYS A 234 4.88 -14.81 -8.43
CA CYS A 234 6.11 -15.60 -8.55
C CYS A 234 6.95 -15.11 -9.70
N ARG A 235 8.16 -15.63 -9.81
CA ARG A 235 8.99 -15.36 -10.97
C ARG A 235 8.81 -16.44 -12.03
N HIS A 236 9.25 -16.10 -13.24
CA HIS A 236 9.46 -17.08 -14.25
C HIS A 236 10.30 -18.23 -13.67
N GLY A 237 10.06 -19.44 -14.17
CA GLY A 237 11.00 -20.55 -14.01
C GLY A 237 12.39 -20.10 -14.33
N GLU A 238 13.38 -20.70 -13.69
CA GLU A 238 14.79 -20.46 -13.99
C GLU A 238 15.07 -20.46 -15.49
N ASN A 239 15.89 -19.52 -15.93
CA ASN A 239 16.16 -19.40 -17.34
C ASN A 239 17.63 -19.54 -17.60
N GLU A 240 18.00 -19.51 -18.86
CA GLU A 240 19.40 -19.76 -19.22
C GLU A 240 20.33 -18.67 -18.76
N HIS A 241 19.87 -17.45 -18.73
CA HIS A 241 20.71 -16.37 -18.18
C HIS A 241 20.96 -16.54 -16.69
N ASN A 242 19.95 -17.01 -15.97
CA ASN A 242 20.10 -17.29 -14.54
C ASN A 242 21.22 -18.32 -14.35
N LEU A 243 21.21 -19.37 -15.16
CA LEU A 243 22.25 -20.41 -15.08
C LEU A 243 23.61 -19.81 -15.28
N GLN A 244 23.70 -18.73 -16.04
CA GLN A 244 24.99 -18.07 -16.24
C GLN A 244 25.27 -16.87 -15.40
N GLY A 245 24.40 -16.51 -14.48
CA GLY A 245 24.62 -15.29 -13.69
C GLY A 245 24.48 -14.00 -14.47
N ARG A 246 23.76 -14.02 -15.57
CA ARG A 246 23.62 -12.81 -16.38
C ARG A 246 22.30 -12.12 -16.09
N ILE A 247 22.36 -10.79 -16.05
CA ILE A 247 21.18 -9.97 -15.80
C ILE A 247 20.50 -9.53 -17.10
N GLY A 248 19.19 -9.37 -17.02
CA GLY A 248 18.40 -8.93 -18.14
C GLY A 248 18.20 -9.97 -19.23
N GLY A 249 18.11 -9.47 -20.46
CA GLY A 249 17.97 -10.35 -21.58
C GLY A 249 16.59 -10.95 -21.66
N ASP A 250 16.42 -11.81 -22.65
CA ASP A 250 15.16 -12.40 -22.93
C ASP A 250 15.38 -13.90 -23.22
N SER A 251 16.19 -14.58 -22.40
CA SER A 251 16.35 -16.05 -22.53
C SER A 251 15.13 -16.88 -22.14
N GLY A 252 15.10 -18.10 -22.63
CA GLY A 252 14.06 -19.08 -22.32
C GLY A 252 14.38 -19.93 -21.08
N LEU A 253 13.40 -20.72 -20.69
CA LEU A 253 13.51 -21.54 -19.49
C LEU A 253 14.58 -22.60 -19.65
N SER A 254 15.36 -22.83 -18.60
CA SER A 254 16.24 -24.01 -18.47
C SER A 254 15.39 -25.25 -18.24
N SER A 255 16.01 -26.43 -18.20
CA SER A 255 15.22 -27.65 -17.94
C SER A 255 14.60 -27.60 -16.56
N ARG A 256 15.27 -26.96 -15.61
CA ARG A 256 14.68 -26.79 -14.28
C ARG A 256 13.49 -25.81 -14.26
N GLY A 257 13.63 -24.71 -14.99
CA GLY A 257 12.52 -23.77 -15.13
C GLY A 257 11.30 -24.41 -15.68
N LYS A 258 11.49 -25.37 -16.59
CA LYS A 258 10.32 -26.08 -17.17
C LYS A 258 9.67 -27.02 -16.16
N LYS A 259 10.49 -27.64 -15.33
CA LYS A 259 9.93 -28.47 -14.24
C LYS A 259 9.15 -27.59 -13.27
N PHE A 260 9.71 -26.42 -12.97
CA PHE A 260 8.94 -25.45 -12.16
C PHE A 260 7.56 -25.15 -12.76
N ALA A 261 7.53 -24.96 -14.07
CA ALA A 261 6.29 -24.55 -14.71
C ALA A 261 5.29 -25.66 -14.54
N SER A 262 5.74 -26.91 -14.75
CA SER A 262 4.84 -28.06 -14.46
C SER A 262 4.39 -28.07 -13.01
N ALA A 263 5.31 -27.86 -12.09
CA ALA A 263 4.92 -27.87 -10.67
C ALA A 263 3.95 -26.72 -10.35
N LEU A 264 4.18 -25.55 -10.96
CA LEU A 264 3.25 -24.39 -10.79
C LEU A 264 1.86 -24.73 -11.24
N SER A 265 1.79 -25.42 -12.37
CA SER A 265 0.51 -25.86 -12.89
C SER A 265 -0.21 -26.81 -11.92
N LYS A 266 0.56 -27.71 -11.31
CA LYS A 266 0.00 -28.63 -10.31
C LYS A 266 -0.48 -27.83 -9.13
N PHE A 267 0.39 -26.93 -8.63
CA PHE A 267 0.01 -26.08 -7.52
C PHE A 267 -1.27 -25.30 -7.80
N VAL A 268 -1.34 -24.69 -8.97
CA VAL A 268 -2.51 -23.86 -9.25
C VAL A 268 -3.77 -24.71 -9.18
N GLU A 269 -3.72 -25.85 -9.87
CA GLU A 269 -4.86 -26.77 -9.91
C GLU A 269 -5.32 -27.12 -8.51
N GLU A 270 -4.38 -27.46 -7.64
CA GLU A 270 -4.69 -27.82 -6.25
C GLU A 270 -5.18 -26.68 -5.41
N GLN A 271 -4.93 -25.44 -5.80
CA GLN A 271 -5.52 -24.32 -5.09
C GLN A 271 -7.02 -24.26 -5.30
N ASN A 272 -7.51 -24.79 -6.42
CA ASN A 272 -8.94 -24.95 -6.58
C ASN A 272 -9.70 -23.60 -6.68
N LEU A 273 -9.19 -22.68 -7.49
CA LEU A 273 -9.71 -21.31 -7.54
C LEU A 273 -10.69 -21.18 -8.66
N LYS A 274 -11.69 -20.34 -8.46
CA LYS A 274 -12.57 -19.93 -9.54
C LYS A 274 -11.95 -18.69 -10.19
N ASP A 275 -11.96 -18.66 -11.51
CA ASP A 275 -11.71 -17.42 -12.22
C ASP A 275 -10.35 -16.80 -11.95
N LEU A 276 -9.31 -17.62 -11.98
CA LEU A 276 -7.98 -17.09 -11.74
C LEU A 276 -7.49 -16.30 -12.96
N ARG A 277 -7.07 -15.05 -12.79
CA ARG A 277 -6.46 -14.35 -13.94
C ARG A 277 -4.98 -14.56 -13.82
N VAL A 278 -4.29 -14.70 -14.95
CA VAL A 278 -2.85 -14.90 -15.01
C VAL A 278 -2.21 -13.78 -15.85
N TRP A 279 -1.23 -13.08 -15.27
CA TRP A 279 -0.51 -12.02 -15.96
C TRP A 279 0.93 -12.40 -16.04
N THR A 280 1.55 -12.10 -17.18
CA THR A 280 2.96 -12.27 -17.38
C THR A 280 3.53 -10.97 -17.90
N SER A 281 4.85 -10.95 -18.00
CA SER A 281 5.54 -9.91 -18.75
C SER A 281 5.53 -10.31 -20.26
N GLN A 282 6.21 -9.52 -21.08
CA GLN A 282 6.37 -9.83 -22.49
C GLN A 282 7.67 -10.55 -22.74
N LEU A 283 8.38 -10.90 -21.66
CA LEU A 283 9.62 -11.63 -21.83
C LEU A 283 9.33 -13.13 -21.82
N LYS A 284 10.05 -13.83 -22.68
CA LYS A 284 9.77 -15.26 -22.96
C LYS A 284 9.65 -16.19 -21.72
N SER A 285 10.53 -15.97 -20.76
CA SER A 285 10.60 -16.91 -19.63
C SER A 285 9.31 -16.88 -18.80
N THR A 286 8.67 -15.72 -18.65
CA THR A 286 7.38 -15.70 -17.93
C THR A 286 6.26 -16.31 -18.72
N ILE A 287 6.33 -16.13 -20.03
CA ILE A 287 5.28 -16.61 -20.94
C ILE A 287 5.37 -18.12 -21.04
N GLN A 288 6.58 -18.63 -21.21
CA GLN A 288 6.80 -20.06 -21.17
C GLN A 288 6.22 -20.65 -19.90
N THR A 289 6.41 -19.95 -18.78
CA THR A 289 5.98 -20.46 -17.52
C THR A 289 4.47 -20.51 -17.51
N ALA A 290 3.83 -19.47 -18.05
CA ALA A 290 2.38 -19.48 -18.09
C ALA A 290 1.87 -20.54 -19.02
N GLU A 291 2.61 -20.81 -20.08
CA GLU A 291 2.10 -21.79 -21.06
C GLU A 291 1.81 -23.15 -20.38
N ALA A 292 2.56 -23.48 -19.33
CA ALA A 292 2.36 -24.78 -18.66
C ALA A 292 1.06 -24.85 -17.91
N LEU A 293 0.42 -23.72 -17.63
CA LEU A 293 -0.76 -23.73 -16.79
C LEU A 293 -2.03 -24.13 -17.54
N ARG A 294 -1.98 -24.12 -18.86
CA ARG A 294 -3.18 -24.37 -19.65
C ARG A 294 -4.29 -23.39 -19.29
N LEU A 295 -3.93 -22.15 -18.95
CA LEU A 295 -4.95 -21.16 -18.61
C LEU A 295 -4.78 -19.92 -19.49
N PRO A 296 -5.88 -19.20 -19.74
CA PRO A 296 -5.67 -17.93 -20.47
C PRO A 296 -4.78 -16.97 -19.67
N TYR A 297 -3.91 -16.24 -20.34
CA TYR A 297 -3.10 -15.25 -19.65
C TYR A 297 -2.89 -14.04 -20.53
N GLU A 298 -2.50 -12.93 -19.90
CA GLU A 298 -2.37 -11.65 -20.60
C GLU A 298 -0.97 -11.15 -20.29
N GLN A 299 -0.26 -10.69 -21.31
CA GLN A 299 1.06 -10.13 -21.16
C GLN A 299 1.05 -8.62 -20.92
N TRP A 300 1.97 -8.11 -20.12
CA TRP A 300 2.06 -6.69 -19.81
C TRP A 300 3.47 -6.29 -19.95
N LYS A 301 3.73 -5.28 -20.79
CA LYS A 301 5.08 -4.78 -20.95
C LYS A 301 5.56 -4.15 -19.65
N ALA A 302 4.61 -3.67 -18.87
CA ALA A 302 4.92 -3.04 -17.58
C ALA A 302 5.52 -4.04 -16.55
N LEU A 303 5.29 -5.34 -16.74
CA LEU A 303 5.86 -6.41 -15.91
C LEU A 303 7.23 -6.89 -16.36
N ASN A 304 7.74 -6.30 -17.45
CA ASN A 304 9.10 -6.57 -17.87
C ASN A 304 10.10 -6.21 -16.78
N GLU A 305 11.16 -7.01 -16.66
CA GLU A 305 12.16 -6.78 -15.64
C GLU A 305 12.81 -5.44 -15.87
N ILE A 306 13.34 -4.90 -14.79
CA ILE A 306 14.10 -3.69 -14.82
C ILE A 306 15.10 -3.71 -15.97
N ASP A 307 15.24 -2.56 -16.61
CA ASP A 307 16.10 -2.44 -17.77
C ASP A 307 17.47 -1.99 -17.35
N ALA A 308 18.46 -2.88 -17.44
CA ALA A 308 19.81 -2.54 -16.98
C ALA A 308 20.63 -1.69 -17.97
N GLY A 309 20.00 -1.17 -19.03
CA GLY A 309 20.68 -0.24 -19.92
C GLY A 309 21.93 -0.84 -20.56
N VAL A 310 23.07 -0.20 -20.41
CA VAL A 310 24.28 -0.74 -21.06
C VAL A 310 24.77 -1.99 -20.36
N CYS A 311 24.17 -2.36 -19.24
CA CYS A 311 24.64 -3.54 -18.55
C CYS A 311 23.84 -4.77 -18.86
N GLU A 312 22.79 -4.64 -19.66
CA GLU A 312 22.00 -5.80 -20.00
C GLU A 312 22.91 -6.90 -20.52
N GLU A 313 22.58 -8.16 -20.21
CA GLU A 313 23.27 -9.35 -20.71
C GLU A 313 24.60 -9.65 -19.99
N LEU A 314 25.06 -8.76 -19.15
CA LEU A 314 26.31 -8.93 -18.43
C LEU A 314 26.12 -9.67 -17.09
N THR A 315 27.23 -10.18 -16.52
CA THR A 315 27.28 -10.76 -15.18
C THR A 315 27.61 -9.66 -14.20
N TYR A 316 27.35 -9.87 -12.92
CA TYR A 316 27.64 -8.80 -11.99
C TYR A 316 29.17 -8.55 -11.95
N GLU A 317 29.92 -9.64 -12.05
CA GLU A 317 31.39 -9.56 -12.23
C GLU A 317 31.86 -8.70 -13.40
N GLU A 318 31.34 -8.96 -14.59
CA GLU A 318 31.64 -8.15 -15.76
C GLU A 318 31.30 -6.70 -15.51
N ILE A 319 30.16 -6.46 -14.87
CA ILE A 319 29.76 -5.09 -14.58
C ILE A 319 30.77 -4.46 -13.64
N ARG A 320 31.18 -5.18 -12.60
CA ARG A 320 32.15 -4.60 -11.65
C ARG A 320 33.54 -4.37 -12.32
N ASP A 321 33.91 -5.27 -13.20
CA ASP A 321 35.14 -5.13 -13.97
C ASP A 321 35.02 -4.01 -15.00
N THR A 322 33.91 -3.95 -15.70
CA THR A 322 33.77 -3.00 -16.78
C THR A 322 33.34 -1.60 -16.33
N TYR A 323 32.42 -1.51 -15.38
CA TYR A 323 31.96 -0.21 -14.89
C TYR A 323 32.05 -0.21 -13.40
N PRO A 324 33.29 -0.24 -12.89
CA PRO A 324 33.53 -0.33 -11.46
C PRO A 324 32.81 0.74 -10.65
N GLU A 325 32.69 1.94 -11.19
CA GLU A 325 32.05 3.00 -10.43
C GLU A 325 30.50 2.85 -10.40
N GLU A 326 29.93 2.40 -11.51
CA GLU A 326 28.48 2.13 -11.61
C GLU A 326 28.04 1.04 -10.64
N TYR A 327 28.85 -0.02 -10.54
CA TYR A 327 28.65 -1.11 -9.57
C TYR A 327 28.65 -0.59 -8.14
N ALA A 328 29.58 0.29 -7.84
CA ALA A 328 29.67 0.85 -6.50
C ALA A 328 28.48 1.76 -6.19
N LEU A 329 28.14 2.65 -7.12
CA LEU A 329 27.01 3.55 -6.90
C LEU A 329 25.69 2.80 -6.63
N ARG A 330 25.46 1.72 -7.36
CA ARG A 330 24.23 0.97 -7.23
C ARG A 330 24.18 0.28 -5.88
N GLU A 331 25.33 -0.25 -5.46
CA GLU A 331 25.45 -0.84 -4.12
C GLU A 331 25.23 0.18 -3.02
N GLN A 332 25.57 1.43 -3.26
CA GLN A 332 25.39 2.46 -2.24
C GLN A 332 23.97 3.01 -2.15
N ASP A 333 23.20 2.92 -3.23
CA ASP A 333 21.86 3.54 -3.26
C ASP A 333 21.02 2.81 -4.29
N LYS A 334 20.59 1.62 -3.91
CA LYS A 334 20.08 0.68 -4.87
C LYS A 334 18.64 1.01 -5.36
N TYR A 335 17.92 1.83 -4.62
CA TYR A 335 16.57 2.20 -5.00
C TYR A 335 16.54 3.29 -6.05
N TYR A 336 17.33 4.34 -5.83
CA TYR A 336 17.42 5.51 -6.68
C TYR A 336 18.40 5.37 -7.85
N TYR A 337 19.30 4.42 -7.77
CA TYR A 337 20.34 4.27 -8.80
C TYR A 337 19.68 3.95 -10.12
N ARG A 338 20.14 4.60 -11.19
CA ARG A 338 19.64 4.27 -12.54
C ARG A 338 20.78 3.71 -13.36
N TYR A 339 20.59 2.56 -13.99
CA TYR A 339 21.62 2.05 -14.88
C TYR A 339 21.75 3.06 -16.06
N PRO A 340 22.95 3.20 -16.67
CA PRO A 340 23.03 4.13 -17.82
C PRO A 340 22.23 3.66 -19.05
N THR A 341 21.39 4.58 -19.54
CA THR A 341 20.35 4.32 -20.53
C THR A 341 19.33 3.31 -20.06
N GLY A 342 19.20 3.09 -18.74
CA GLY A 342 18.27 2.11 -18.20
C GLY A 342 17.47 2.69 -17.05
N GLU A 343 17.10 1.80 -16.12
CA GLU A 343 16.10 2.10 -15.06
C GLU A 343 16.61 1.98 -13.63
N SER A 344 15.89 2.64 -12.74
CA SER A 344 16.00 2.47 -11.29
C SER A 344 14.75 1.76 -10.75
N TYR A 345 14.82 1.29 -9.50
CA TYR A 345 13.60 0.76 -8.83
C TYR A 345 12.53 1.85 -8.81
N GLN A 346 12.97 3.10 -8.67
CA GLN A 346 12.01 4.21 -8.66
C GLN A 346 11.25 4.28 -9.97
N ASP A 347 11.94 4.00 -11.09
CA ASP A 347 11.29 4.01 -12.39
C ASP A 347 10.31 2.89 -12.44
N LEU A 348 10.72 1.74 -11.90
CA LEU A 348 9.87 0.57 -11.92
C LEU A 348 8.49 0.84 -11.32
N VAL A 349 8.49 1.49 -10.18
CA VAL A 349 7.26 1.82 -9.48
C VAL A 349 6.35 2.64 -10.36
N GLN A 350 6.93 3.63 -11.07
CA GLN A 350 6.12 4.45 -11.96
C GLN A 350 5.43 3.55 -12.96
N ARG A 351 6.14 2.59 -13.55
CA ARG A 351 5.44 1.81 -14.58
C ARG A 351 4.61 0.69 -14.02
N LEU A 352 4.85 0.30 -12.78
CA LEU A 352 3.99 -0.72 -12.16
C LEU A 352 2.68 -0.16 -11.55
N GLU A 353 2.59 1.16 -11.42
CA GLU A 353 1.42 1.77 -10.77
C GLU A 353 0.11 1.37 -11.44
N PRO A 354 0.09 1.33 -12.78
CA PRO A 354 -1.16 0.83 -13.38
C PRO A 354 -1.37 -0.65 -13.15
N VAL A 355 -0.28 -1.41 -12.94
CA VAL A 355 -0.47 -2.82 -12.57
C VAL A 355 -1.15 -2.94 -11.20
N ILE A 356 -0.64 -2.20 -10.24
CA ILE A 356 -1.23 -2.14 -8.92
C ILE A 356 -2.72 -1.73 -8.97
N MET A 357 -3.06 -0.71 -9.76
CA MET A 357 -4.41 -0.21 -9.80
C MET A 357 -5.31 -1.30 -10.38
N GLU A 358 -4.84 -2.04 -11.38
CA GLU A 358 -5.67 -3.11 -11.92
C GLU A 358 -5.72 -4.32 -10.95
N LEU A 359 -4.62 -4.61 -10.28
CA LEU A 359 -4.64 -5.66 -9.27
C LEU A 359 -5.70 -5.37 -8.22
N GLU A 360 -5.85 -4.09 -7.84
CA GLU A 360 -6.83 -3.77 -6.79
C GLU A 360 -8.22 -4.13 -7.28
N ARG A 361 -8.47 -3.98 -8.59
CA ARG A 361 -9.80 -4.27 -9.12
C ARG A 361 -10.10 -5.76 -9.20
N GLN A 362 -9.07 -6.57 -9.31
CA GLN A 362 -9.28 -7.98 -9.58
C GLN A 362 -9.63 -8.74 -8.33
N GLU A 363 -9.93 -10.00 -8.52
CA GLU A 363 -10.10 -10.95 -7.46
C GLU A 363 -8.89 -11.88 -7.50
N ASN A 364 -9.03 -13.15 -7.86
CA ASN A 364 -7.88 -14.06 -7.82
C ASN A 364 -6.98 -13.80 -8.99
N VAL A 365 -5.70 -13.57 -8.72
CA VAL A 365 -4.72 -13.28 -9.76
C VAL A 365 -3.36 -13.92 -9.45
N LEU A 366 -2.74 -14.47 -10.49
CA LEU A 366 -1.36 -14.94 -10.45
C LEU A 366 -0.54 -14.08 -11.37
N VAL A 367 0.51 -13.48 -10.84
CA VAL A 367 1.40 -12.64 -11.61
C VAL A 367 2.73 -13.36 -11.68
N ILE A 368 3.20 -13.63 -12.89
CA ILE A 368 4.47 -14.26 -13.15
C ILE A 368 5.41 -13.23 -13.71
N CYS A 369 6.38 -12.81 -12.93
CA CYS A 369 7.23 -11.71 -13.34
C CYS A 369 8.71 -11.98 -13.09
N HIS A 370 9.45 -10.97 -12.59
CA HIS A 370 10.90 -11.05 -12.53
C HIS A 370 11.32 -10.48 -11.20
N GLN A 371 12.58 -10.71 -10.83
CA GLN A 371 13.06 -10.37 -9.50
C GLN A 371 12.76 -8.94 -9.05
N ALA A 372 13.31 -7.95 -9.76
CA ALA A 372 13.16 -6.57 -9.34
C ALA A 372 11.70 -6.15 -9.35
N VAL A 373 10.97 -6.55 -10.38
CA VAL A 373 9.54 -6.27 -10.44
C VAL A 373 8.76 -6.89 -9.27
N LEU A 374 9.03 -8.15 -8.97
CA LEU A 374 8.36 -8.81 -7.85
C LEU A 374 8.65 -8.08 -6.51
N ARG A 375 9.88 -7.69 -6.29
CA ARG A 375 10.19 -6.91 -5.12
C ARG A 375 9.30 -5.66 -5.07
N CYS A 376 9.21 -4.91 -6.17
CA CYS A 376 8.43 -3.67 -6.20
CA CYS A 376 8.40 -3.69 -6.17
C CYS A 376 6.96 -3.92 -5.81
N LEU A 377 6.37 -4.97 -6.34
CA LEU A 377 4.98 -5.29 -6.09
C LEU A 377 4.80 -5.72 -4.64
N LEU A 378 5.72 -6.58 -4.17
CA LEU A 378 5.62 -7.10 -2.81
C LEU A 378 5.76 -5.95 -1.84
N ALA A 379 6.65 -5.00 -2.13
CA ALA A 379 6.82 -3.85 -1.28
C ALA A 379 5.49 -3.08 -1.10
N TYR A 380 4.69 -3.03 -2.15
CA TYR A 380 3.41 -2.35 -2.04
C TYR A 380 2.47 -3.09 -1.11
N PHE A 381 2.37 -4.39 -1.33
CA PHE A 381 1.43 -5.18 -0.56
C PHE A 381 1.82 -5.35 0.90
N LEU A 382 3.11 -5.34 1.17
CA LEU A 382 3.62 -5.54 2.52
C LEU A 382 4.06 -4.25 3.16
N ASP A 383 3.81 -3.12 2.50
CA ASP A 383 4.13 -1.84 3.07
C ASP A 383 5.60 -1.72 3.45
N LYS A 384 6.51 -2.10 2.55
CA LYS A 384 7.95 -1.90 2.79
C LYS A 384 8.45 -0.61 2.18
N SER A 385 9.47 -0.02 2.78
CA SER A 385 9.98 1.26 2.34
C SER A 385 10.79 1.15 1.03
N ALA A 386 11.07 2.30 0.43
CA ALA A 386 11.90 2.37 -0.75
C ALA A 386 13.28 1.80 -0.47
N GLU A 387 13.79 2.05 0.72
CA GLU A 387 15.13 1.61 1.08
C GLU A 387 15.26 0.08 1.19
N GLU A 388 14.21 -0.58 1.68
CA GLU A 388 14.16 -2.05 1.82
C GLU A 388 13.82 -2.80 0.53
N MET A 389 13.02 -2.14 -0.30
CA MET A 389 12.40 -2.79 -1.46
C MET A 389 13.38 -3.57 -2.33
N PRO A 390 14.51 -2.95 -2.69
CA PRO A 390 15.51 -3.65 -3.54
C PRO A 390 16.20 -4.88 -2.92
N TYR A 391 15.90 -5.17 -1.65
CA TYR A 391 16.56 -6.27 -0.95
C TYR A 391 15.57 -7.31 -0.46
N LEU A 392 14.29 -7.18 -0.83
CA LEU A 392 13.32 -8.18 -0.40
C LEU A 392 13.71 -9.50 -1.08
N LYS A 393 13.45 -10.61 -0.41
CA LYS A 393 13.87 -11.90 -0.91
C LYS A 393 12.75 -12.52 -1.66
N CYS A 394 12.91 -12.78 -2.95
CA CYS A 394 11.87 -13.41 -3.73
CA CYS A 394 11.86 -13.44 -3.71
C CYS A 394 12.51 -14.50 -4.58
N PRO A 395 12.71 -15.69 -4.00
CA PRO A 395 13.48 -16.70 -4.71
C PRO A 395 12.76 -17.32 -5.91
N LEU A 396 13.55 -17.87 -6.82
CA LEU A 396 12.99 -18.67 -7.86
C LEU A 396 12.19 -19.81 -7.32
N HIS A 397 11.24 -20.23 -8.14
CA HIS A 397 10.46 -21.45 -7.98
C HIS A 397 9.70 -21.46 -6.67
N THR A 398 9.35 -20.26 -6.21
CA THR A 398 8.65 -20.08 -4.95
C THR A 398 7.48 -19.11 -5.16
N VAL A 399 6.26 -19.57 -4.85
CA VAL A 399 5.08 -18.78 -4.93
C VAL A 399 4.86 -18.00 -3.64
N LEU A 400 4.58 -16.71 -3.77
CA LEU A 400 4.22 -15.88 -2.63
C LEU A 400 2.75 -15.64 -2.70
N LYS A 401 2.05 -16.15 -1.70
CA LYS A 401 0.63 -16.15 -1.69
C LYS A 401 0.14 -15.11 -0.72
N LEU A 402 -0.67 -14.16 -1.19
CA LEU A 402 -1.04 -13.01 -0.39
C LEU A 402 -2.52 -13.04 -0.16
N THR A 403 -2.92 -12.89 1.09
CA THR A 403 -4.30 -12.96 1.45
C THR A 403 -4.63 -11.77 2.36
N PRO A 404 -5.74 -11.07 2.09
CA PRO A 404 -6.10 -9.92 2.94
C PRO A 404 -6.54 -10.39 4.32
N VAL A 405 -5.92 -9.90 5.38
CA VAL A 405 -6.50 -10.16 6.71
C VAL A 405 -6.49 -8.92 7.55
N ALA A 406 -7.62 -8.64 8.20
CA ALA A 406 -7.72 -7.46 9.04
C ALA A 406 -7.38 -6.21 8.21
N TYR A 407 -6.42 -5.42 8.65
CA TYR A 407 -6.10 -4.18 8.00
C TYR A 407 -5.08 -4.33 6.87
N GLY A 408 -4.49 -5.52 6.75
CA GLY A 408 -3.34 -5.67 5.89
C GLY A 408 -3.34 -6.96 5.12
N CYS A 409 -2.17 -7.56 5.05
CA CYS A 409 -1.88 -8.59 4.10
C CYS A 409 -1.03 -9.69 4.67
N ARG A 410 -1.54 -10.90 4.68
CA ARG A 410 -0.72 -12.04 5.06
C ARG A 410 0.06 -12.56 3.86
N VAL A 411 1.33 -12.85 4.06
CA VAL A 411 2.10 -13.51 3.03
C VAL A 411 2.54 -14.90 3.46
N GLU A 412 2.53 -15.82 2.52
CA GLU A 412 2.80 -17.20 2.78
C GLU A 412 3.66 -17.71 1.60
N SER A 413 4.79 -18.31 1.90
CA SER A 413 5.72 -18.75 0.88
C SER A 413 5.47 -20.22 0.60
N ILE A 414 5.35 -20.58 -0.67
CA ILE A 414 5.19 -21.99 -1.06
C ILE A 414 6.22 -22.37 -2.12
N TYR A 415 7.28 -23.07 -1.67
CA TYR A 415 8.37 -23.48 -2.55
C TYR A 415 7.95 -24.78 -3.23
N LEU A 416 8.10 -24.85 -4.55
CA LEU A 416 7.56 -25.97 -5.30
C LEU A 416 8.59 -27.07 -5.59
N ASN A 417 9.64 -27.05 -4.78
CA ASN A 417 10.57 -28.17 -4.67
C ASN A 417 11.26 -28.47 -5.97
N VAL A 418 11.79 -27.43 -6.62
CA VAL A 418 12.56 -27.57 -7.86
C VAL A 418 13.77 -26.71 -7.72
N GLU A 419 14.93 -27.33 -7.84
CA GLU A 419 16.16 -26.62 -7.67
C GLU A 419 16.29 -25.50 -8.69
N SER A 420 17.16 -24.54 -8.37
CA SER A 420 17.42 -23.41 -9.21
C SER A 420 18.67 -22.80 -8.62
N VAL A 421 19.36 -21.95 -9.38
CA VAL A 421 20.35 -21.06 -8.78
C VAL A 421 19.65 -20.07 -7.86
N CYS A 422 20.46 -19.29 -7.14
CA CYS A 422 19.99 -18.26 -6.22
C CYS A 422 20.48 -16.97 -6.80
N THR A 423 19.59 -16.00 -6.99
CA THR A 423 19.94 -14.73 -7.62
C THR A 423 19.85 -13.57 -6.61
N HIS A 424 19.67 -13.90 -5.33
CA HIS A 424 19.56 -12.89 -4.29
C HIS A 424 20.92 -12.34 -3.88
N ARG A 425 21.05 -11.04 -3.71
CA ARG A 425 22.32 -10.42 -3.37
C ARG A 425 22.13 -9.45 -2.22
N GLU A 426 22.81 -9.73 -1.10
CA GLU A 426 22.54 -9.05 0.17
C GLU A 426 23.02 -7.63 0.08
N ARG A 427 22.50 -6.78 0.95
CA ARG A 427 23.01 -5.41 1.08
C ARG A 427 24.46 -5.53 1.56
N SER A 428 25.38 -4.74 0.99
CA SER A 428 26.79 -4.93 1.32
C SER A 428 27.38 -3.77 2.13
N GLU A 429 28.65 -3.92 2.52
CA GLU A 429 29.49 -2.81 3.02
C GLU A 429 30.96 -3.21 3.07
CBJ H9Z B . -10.47 -7.55 4.28
CBI H9Z B . -9.97 -8.63 5.23
CBH H9Z B . -10.87 -9.81 5.17
NBG H9Z B . -12.25 -9.45 5.49
CBK H9Z B . -13.16 -10.57 5.26
CBF H9Z B . -12.78 -8.37 4.67
CBE H9Z B . -11.89 -7.17 4.58
NBD H9Z B . -11.97 -6.35 5.80
CBB H9Z B . -12.05 -5.02 5.65
OBC H9Z B . -12.22 -4.54 4.53
CAW H9Z B . -12.18 -4.21 6.80
CAX H9Z B . -11.67 -4.64 8.02
CAY H9Z B . -11.82 -3.90 9.19
NAZ H9Z B . -12.49 -2.69 9.15
CBA H9Z B . -13.00 -2.23 7.94
CAV H9Z B . -12.85 -2.98 6.77
NAQ H9Z B . -13.29 -2.55 5.56
CAA H9Z B . -14.21 -1.57 5.43
CAB H9Z B . -14.06 -0.67 4.38
CAF H9Z B . -15.37 -1.48 6.24
CAE H9Z B . -16.30 -0.48 5.98
NAM H9Z B . -17.41 -0.36 6.76
CAN H9Z B . -18.35 0.66 6.53
CAO H9Z B . -18.16 1.53 5.46
NAP H9Z B . -17.02 1.41 4.69
CAD H9Z B . -16.11 0.44 4.95
CAC H9Z B . -14.99 0.33 4.14
CAG H9Z B . -14.77 1.19 3.04
CAH H9Z B . -14.58 0.66 1.76
CAI H9Z B . -14.35 1.46 0.72
NAT H9Z B . -14.11 1.18 -0.55
CAU H9Z B . -14.09 -0.14 -1.18
CAS H9Z B . -13.97 2.33 -1.24
CAR H9Z B . -14.08 3.34 -0.38
CAJ H9Z B . -14.33 2.80 0.85
CAK H9Z B . -14.53 3.36 2.04
CAL H9Z B . -14.77 2.57 3.16
P1 POP C . -12.05 0.32 11.20
O1 POP C . -11.05 0.29 12.35
O2 POP C . -12.97 -0.89 11.04
O3 POP C . -11.32 0.71 9.94
O POP C . -13.20 1.42 11.55
P2 POP C . -13.00 2.89 12.13
O4 POP C . -13.49 2.80 13.57
O5 POP C . -14.05 3.66 11.36
O6 POP C . -11.60 3.46 12.00
CAC FLC D . -10.65 6.85 20.43
CA FLC D . -11.52 7.44 19.35
CB FLC D . -11.36 8.93 19.20
CBC FLC D . -12.32 9.36 18.09
CG FLC D . -11.70 9.77 20.42
CGC FLC D . -11.59 11.21 19.94
OA1 FLC D . -10.13 7.53 21.37
OA2 FLC D . -10.46 5.64 20.30
OB1 FLC D . -13.52 9.63 18.37
OB2 FLC D . -11.90 9.39 16.91
OG1 FLC D . -12.26 12.08 20.51
OG2 FLC D . -10.86 11.53 18.97
OHB FLC D . -9.99 9.21 18.90
O1 F6P E . 19.19 -11.96 -11.98
C1 F6P E . 17.85 -12.03 -12.42
C2 F6P E . 17.27 -10.61 -12.49
O2 F6P E . 15.84 -10.75 -12.71
C3 F6P E . 18.00 -9.78 -13.56
O3 F6P E . 17.51 -10.01 -14.87
C4 F6P E . 17.85 -8.38 -13.04
O4 F6P E . 18.79 -7.47 -13.55
C5 F6P E . 18.09 -8.64 -11.58
O5 F6P E . 17.47 -9.89 -11.29
C6 F6P E . 17.52 -7.55 -10.69
O6 F6P E . 17.92 -7.76 -9.35
P F6P E . 18.92 -6.74 -8.66
O1P F6P E . 19.12 -7.47 -7.35
O2P F6P E . 18.13 -5.47 -8.46
O3P F6P E . 20.14 -6.69 -9.57
S DMS F . -17.23 -5.75 5.23
O DMS F . -15.80 -6.11 5.10
C1 DMS F . -17.35 -4.06 5.06
C2 DMS F . -18.15 -6.24 3.88
#